data_7AN5
#
_entry.id   7AN5
#
_cell.length_a   43.918
_cell.length_b   94.464
_cell.length_c   71.692
_cell.angle_alpha   90.000
_cell.angle_beta   95.200
_cell.angle_gamma   90.000
#
_symmetry.space_group_name_H-M   'P 1 21 1'
#
loop_
_entity.id
_entity.type
_entity.pdbx_description
1 polymer 'Chorismate dehydratase'
2 non-polymer '3-[(1-Carboxyvinyl)oxy]benzoic acid'
3 water water
#
_entity_poly.entity_id   1
_entity_poly.type   'polypeptide(L)'
_entity_poly.pdbx_seq_one_letter_code
;MVDNSRTRPRVGHIQFLNCLPLYWGLARTGTLLDFELTKDTPEKLSEQLVRGDLDIGPVTLVEFLKNADDLVAFPDIAVG
CDGPVMSCVIVSQVPLDRLDGARVALGSTSRTSVRLAQLLLSERFGVQPDYYTCPPDLSLMMQEADAAVLIGDAALRANM
IDGPRYGLDVHDLGALWKEWTGLPFVFAVWAARRDYAEREPVITRKVHEAFLASRNLSLEEVEKVAEQAARWEAFDEDTL
AKYFTTLDFRFGAPQLEAVTEFARRVGPTTGFPADVKVELLKPLEHHHHHH
;
_entity_poly.pdbx_strand_id   A,B
#
loop_
_chem_comp.id
_chem_comp.type
_chem_comp.name
_chem_comp.formula
RDH non-polymer '3-[(1-Carboxyvinyl)oxy]benzoic acid' 'C10 H8 O5'
#
# COMPACT_ATOMS: atom_id res chain seq x y z
N SER A 5 10.99 8.35 -18.05
CA SER A 5 9.59 8.74 -18.09
C SER A 5 9.15 9.38 -16.76
N ARG A 6 7.98 10.00 -16.77
CA ARG A 6 7.47 10.68 -15.58
C ARG A 6 7.17 9.65 -14.49
N THR A 7 7.41 10.04 -13.24
CA THR A 7 7.27 9.15 -12.10
C THR A 7 6.10 9.58 -11.22
N ARG A 8 5.34 8.59 -10.73
CA ARG A 8 4.25 8.90 -9.82
C ARG A 8 4.78 9.61 -8.58
N PRO A 9 4.07 10.60 -8.06
CA PRO A 9 4.50 11.22 -6.80
C PRO A 9 4.46 10.20 -5.67
N ARG A 10 5.45 10.28 -4.79
CA ARG A 10 5.51 9.43 -3.61
C ARG A 10 4.73 10.12 -2.50
N VAL A 11 3.62 9.51 -2.09
CA VAL A 11 2.61 10.14 -1.25
C VAL A 11 2.46 9.34 0.05
N GLY A 12 2.57 10.03 1.18
CA GLY A 12 2.35 9.38 2.46
C GLY A 12 0.87 9.33 2.85
N HIS A 13 0.55 8.42 3.76
CA HIS A 13 -0.83 8.28 4.23
C HIS A 13 -0.82 7.71 5.64
N ILE A 14 -1.44 8.43 6.58
CA ILE A 14 -1.51 7.97 7.96
C ILE A 14 -2.33 6.69 8.04
N GLN A 15 -1.75 5.66 8.66
CA GLN A 15 -2.38 4.35 8.67
C GLN A 15 -3.58 4.27 9.62
N PHE A 16 -3.75 5.25 10.51
CA PHE A 16 -4.78 5.22 11.53
C PHE A 16 -6.19 5.35 10.92
N LEU A 17 -7.20 5.11 11.77
CA LEU A 17 -8.59 5.22 11.32
C LEU A 17 -8.95 6.63 10.88
N ASN A 18 -8.26 7.65 11.40
CA ASN A 18 -8.64 9.03 11.07
C ASN A 18 -8.55 9.31 9.57
N CYS A 19 -7.70 8.58 8.85
CA CYS A 19 -7.57 8.74 7.41
C CYS A 19 -8.03 7.52 6.62
N LEU A 20 -8.75 6.60 7.27
CA LEU A 20 -9.31 5.47 6.53
C LEU A 20 -10.39 5.96 5.57
N PRO A 21 -11.29 6.87 5.97
CA PRO A 21 -12.25 7.39 4.98
C PRO A 21 -11.56 8.03 3.78
N LEU A 22 -10.48 8.77 4.01
CA LEU A 22 -9.76 9.38 2.89
C LEU A 22 -9.19 8.30 1.96
N TYR A 23 -8.62 7.23 2.55
CA TYR A 23 -8.10 6.14 1.76
C TYR A 23 -9.20 5.50 0.91
N TRP A 24 -10.39 5.31 1.51
CA TRP A 24 -11.54 4.86 0.74
C TRP A 24 -11.79 5.76 -0.45
N GLY A 25 -11.82 7.07 -0.22
CA GLY A 25 -12.02 8.00 -1.33
C GLY A 25 -10.93 7.91 -2.39
N LEU A 26 -9.68 7.78 -1.97
CA LEU A 26 -8.58 7.69 -2.93
C LEU A 26 -8.72 6.43 -3.79
N ALA A 27 -9.19 5.34 -3.20
CA ALA A 27 -9.36 4.10 -3.95
C ALA A 27 -10.57 4.19 -4.89
N ARG A 28 -11.71 4.64 -4.36
CA ARG A 28 -12.92 4.68 -5.16
C ARG A 28 -12.78 5.60 -6.37
N THR A 29 -12.10 6.74 -6.20
CA THR A 29 -11.90 7.65 -7.31
C THR A 29 -10.83 7.17 -8.29
N GLY A 30 -10.08 6.13 -7.94
CA GLY A 30 -8.93 5.74 -8.73
C GLY A 30 -7.70 6.58 -8.51
N THR A 31 -7.75 7.55 -7.60
CA THR A 31 -6.62 8.44 -7.34
C THR A 31 -5.38 7.66 -6.92
N LEU A 32 -5.57 6.58 -6.15
CA LEU A 32 -4.46 5.78 -5.68
C LEU A 32 -3.52 5.35 -6.81
N LEU A 33 -4.06 5.13 -8.01
CA LEU A 33 -3.24 4.65 -9.11
C LEU A 33 -2.39 5.75 -9.73
N ASP A 34 -2.53 6.99 -9.28
CA ASP A 34 -1.62 8.07 -9.64
C ASP A 34 -0.57 8.31 -8.57
N PHE A 35 -0.62 7.58 -7.45
CA PHE A 35 0.31 7.72 -6.34
C PHE A 35 1.18 6.49 -6.24
N GLU A 36 2.38 6.68 -5.68
CA GLU A 36 3.14 5.60 -5.06
C GLU A 36 2.98 5.79 -3.56
N LEU A 37 2.04 5.05 -2.97
CA LEU A 37 1.58 5.31 -1.61
C LEU A 37 2.43 4.59 -0.58
N THR A 38 2.74 5.29 0.50
CA THR A 38 3.41 4.73 1.68
C THR A 38 2.52 4.95 2.89
N LYS A 39 2.19 3.88 3.60
CA LYS A 39 1.40 3.96 4.82
C LYS A 39 2.29 3.78 6.04
N ASP A 40 2.10 4.62 7.05
CA ASP A 40 2.90 4.53 8.27
C ASP A 40 2.25 5.40 9.34
N THR A 41 2.91 5.49 10.50
CA THR A 41 2.46 6.35 11.57
C THR A 41 2.86 7.80 11.27
N PRO A 42 2.19 8.79 11.89
CA PRO A 42 2.42 10.18 11.47
C PRO A 42 3.82 10.69 11.72
N GLU A 43 4.52 10.21 12.76
CA GLU A 43 5.86 10.71 13.00
C GLU A 43 6.83 10.17 11.95
N LYS A 44 6.64 8.92 11.50
CA LYS A 44 7.48 8.36 10.45
C LYS A 44 7.24 9.05 9.11
N LEU A 45 5.95 9.27 8.77
CA LEU A 45 5.64 9.94 7.51
C LEU A 45 6.19 11.35 7.47
N SER A 46 6.18 12.03 8.62
CA SER A 46 6.75 13.36 8.71
C SER A 46 8.26 13.33 8.47
N GLU A 47 8.96 12.41 9.15
CA GLU A 47 10.40 12.25 8.92
C GLU A 47 10.68 11.99 7.44
N GLN A 48 9.96 11.04 6.84
CA GLN A 48 10.22 10.66 5.45
C GLN A 48 10.05 11.83 4.49
N LEU A 49 9.01 12.64 4.70
CA LEU A 49 8.79 13.78 3.81
C LEU A 49 9.90 14.81 3.97
N VAL A 50 10.32 15.08 5.20
CA VAL A 50 11.35 16.07 5.46
C VAL A 50 12.69 15.63 4.86
N ARG A 51 13.02 14.34 4.98
CA ARG A 51 14.30 13.86 4.48
C ARG A 51 14.26 13.44 3.02
N GLY A 52 13.12 13.58 2.34
CA GLY A 52 13.05 13.38 0.91
C GLY A 52 12.63 12.01 0.45
N ASP A 53 12.21 11.13 1.36
CA ASP A 53 11.71 9.82 0.94
C ASP A 53 10.28 9.89 0.41
N LEU A 54 9.59 11.01 0.61
CA LEU A 54 8.27 11.25 0.05
C LEU A 54 8.30 12.60 -0.63
N ASP A 55 7.40 12.77 -1.60
CA ASP A 55 7.23 14.05 -2.26
C ASP A 55 6.11 14.88 -1.65
N ILE A 56 5.04 14.21 -1.23
CA ILE A 56 3.83 14.82 -0.72
C ILE A 56 3.31 13.93 0.39
N GLY A 57 2.81 14.52 1.46
CA GLY A 57 2.24 13.70 2.49
C GLY A 57 1.69 14.46 3.68
N PRO A 58 1.06 13.73 4.59
CA PRO A 58 0.57 14.35 5.82
C PRO A 58 1.74 14.64 6.75
N VAL A 59 1.70 15.81 7.37
CA VAL A 59 2.73 16.25 8.30
C VAL A 59 2.04 16.70 9.58
N THR A 60 2.35 16.03 10.69
CA THR A 60 1.87 16.50 11.97
C THR A 60 2.31 17.94 12.17
N LEU A 61 1.41 18.75 12.74
CA LEU A 61 1.53 20.21 12.64
C LEU A 61 2.87 20.72 13.16
N VAL A 62 3.28 20.24 14.35
CA VAL A 62 4.50 20.74 14.97
C VAL A 62 5.71 20.50 14.05
N GLU A 63 5.75 19.33 13.40
CA GLU A 63 6.86 19.05 12.48
C GLU A 63 6.77 19.91 11.22
N PHE A 64 5.55 20.21 10.76
CA PHE A 64 5.42 21.16 9.65
C PHE A 64 5.96 22.52 10.05
N LEU A 65 5.62 23.00 11.24
CA LEU A 65 6.07 24.33 11.67
C LEU A 65 7.58 24.38 11.80
N LYS A 66 8.20 23.28 12.25
CA LYS A 66 9.66 23.23 12.34
C LYS A 66 10.33 23.21 10.97
N ASN A 67 9.60 22.87 9.91
CA ASN A 67 10.16 22.75 8.57
C ASN A 67 9.41 23.63 7.57
N ALA A 68 8.80 24.72 8.06
CA ALA A 68 7.85 25.48 7.25
C ALA A 68 8.50 26.13 6.03
N ASP A 69 9.80 26.45 6.10
CA ASP A 69 10.46 27.05 4.94
C ASP A 69 10.62 26.07 3.80
N ASP A 70 10.53 24.77 4.07
CA ASP A 70 10.82 23.75 3.08
C ASP A 70 9.58 22.96 2.68
N LEU A 71 8.40 23.38 3.14
CA LEU A 71 7.16 22.68 2.88
C LEU A 71 6.11 23.67 2.41
N VAL A 72 5.22 23.21 1.55
CA VAL A 72 4.11 24.01 1.03
C VAL A 72 2.83 23.27 1.38
N ALA A 73 2.03 23.85 2.27
CA ALA A 73 0.84 23.19 2.77
C ALA A 73 -0.30 23.26 1.76
N PHE A 74 -1.13 22.20 1.76
CA PHE A 74 -2.31 22.13 0.89
C PHE A 74 -3.48 22.86 1.54
N PRO A 75 -4.12 23.80 0.85
CA PRO A 75 -5.31 24.42 1.42
C PRO A 75 -6.50 23.48 1.40
N ASP A 76 -7.38 23.66 2.38
CA ASP A 76 -8.73 23.11 2.43
C ASP A 76 -8.76 21.61 2.75
N ILE A 77 -7.68 21.04 3.24
CA ILE A 77 -7.71 19.69 3.79
C ILE A 77 -6.69 19.60 4.93
N ALA A 78 -7.08 18.96 6.03
CA ALA A 78 -6.22 18.79 7.19
C ALA A 78 -6.91 17.78 8.12
N VAL A 79 -6.22 17.39 9.18
CA VAL A 79 -6.81 16.55 10.21
C VAL A 79 -7.00 17.42 11.44
N GLY A 80 -8.25 17.74 11.75
CA GLY A 80 -8.54 18.63 12.85
C GLY A 80 -9.84 18.34 13.58
N CYS A 81 -10.30 19.34 14.34
CA CYS A 81 -11.48 19.20 15.16
C CYS A 81 -11.97 20.60 15.50
N ASP A 82 -13.22 20.70 15.92
CA ASP A 82 -13.78 21.93 16.48
C ASP A 82 -14.52 21.50 17.73
N GLY A 83 -13.79 21.44 18.84
CA GLY A 83 -14.25 20.74 20.01
C GLY A 83 -13.54 19.41 20.11
N PRO A 84 -14.26 18.36 20.50
CA PRO A 84 -13.61 17.06 20.69
C PRO A 84 -13.05 16.50 19.39
N VAL A 85 -11.90 15.84 19.51
CA VAL A 85 -11.29 15.11 18.40
C VAL A 85 -11.39 13.61 18.58
N MET A 86 -11.68 13.13 19.79
CA MET A 86 -11.92 11.74 20.15
C MET A 86 -10.66 10.86 20.16
N SER A 87 -9.68 11.14 19.28
CA SER A 87 -8.50 10.28 19.19
C SER A 87 -7.20 10.99 19.56
N CYS A 88 -7.27 12.05 20.38
CA CYS A 88 -6.09 12.68 20.98
C CYS A 88 -6.47 12.98 22.41
N VAL A 89 -5.88 12.23 23.36
CA VAL A 89 -6.39 12.20 24.72
C VAL A 89 -5.25 12.22 25.73
N ILE A 90 -5.59 12.67 26.93
CA ILE A 90 -4.81 12.43 28.14
C ILE A 90 -5.61 11.43 28.96
N VAL A 91 -5.04 10.25 29.17
CA VAL A 91 -5.61 9.24 30.04
C VAL A 91 -4.91 9.36 31.39
N SER A 92 -5.68 9.56 32.46
CA SER A 92 -5.08 9.84 33.75
C SER A 92 -5.79 9.07 34.83
N GLN A 93 -5.01 8.56 35.78
CA GLN A 93 -5.55 7.93 36.98
C GLN A 93 -5.82 8.96 38.07
N VAL A 94 -5.32 10.17 37.91
CA VAL A 94 -5.58 11.26 38.85
C VAL A 94 -6.11 12.44 38.06
N PRO A 95 -6.86 13.34 38.71
CA PRO A 95 -7.23 14.58 38.04
C PRO A 95 -6.00 15.38 37.64
N LEU A 96 -6.16 16.18 36.59
CA LEU A 96 -5.03 16.84 35.94
C LEU A 96 -4.27 17.76 36.90
N ASP A 97 -4.96 18.40 37.86
CA ASP A 97 -4.27 19.30 38.78
C ASP A 97 -3.42 18.55 39.81
N ARG A 98 -3.43 17.22 39.79
CA ARG A 98 -2.63 16.41 40.69
C ARG A 98 -1.43 15.78 39.98
N LEU A 99 -1.06 16.29 38.81
CA LEU A 99 0.01 15.72 38.00
C LEU A 99 1.35 16.45 38.15
N ASP A 100 1.45 17.43 39.04
CA ASP A 100 2.73 18.13 39.20
C ASP A 100 3.75 17.19 39.83
N GLY A 101 4.90 17.04 39.17
CA GLY A 101 5.93 16.12 39.59
C GLY A 101 5.63 14.66 39.34
N ALA A 102 4.50 14.33 38.75
CA ALA A 102 4.15 12.95 38.45
C ALA A 102 4.71 12.56 37.09
N ARG A 103 4.74 11.26 36.83
CA ARG A 103 5.26 10.74 35.58
C ARG A 103 4.14 10.63 34.56
N VAL A 104 4.37 11.19 33.37
CA VAL A 104 3.39 11.20 32.30
C VAL A 104 4.06 10.64 31.05
N ALA A 105 3.49 9.56 30.51
CA ALA A 105 4.06 8.89 29.35
C ALA A 105 3.52 9.51 28.08
N LEU A 106 4.42 9.86 27.16
CA LEU A 106 4.06 10.45 25.88
C LEU A 106 4.24 9.40 24.80
N GLY A 107 3.14 9.01 24.15
CA GLY A 107 3.20 8.06 23.05
C GLY A 107 4.16 8.50 21.96
N SER A 108 5.01 7.59 21.51
CA SER A 108 6.11 7.96 20.63
C SER A 108 5.66 8.36 19.24
N THR A 109 4.45 7.97 18.82
CA THR A 109 4.01 8.33 17.48
C THR A 109 3.56 9.77 17.37
N SER A 110 3.43 10.49 18.49
CA SER A 110 2.88 11.83 18.50
C SER A 110 3.99 12.89 18.54
N ARG A 111 3.76 13.98 17.82
CA ARG A 111 4.56 15.19 17.92
C ARG A 111 3.72 16.41 18.29
N THR A 112 2.49 16.51 17.78
CA THR A 112 1.65 17.67 18.01
C THR A 112 0.80 17.54 19.27
N SER A 113 0.11 16.41 19.44
CA SER A 113 -0.76 16.25 20.59
C SER A 113 0.03 16.25 21.89
N VAL A 114 1.23 15.66 21.88
CA VAL A 114 2.05 15.68 23.09
C VAL A 114 2.44 17.10 23.46
N ARG A 115 2.73 17.95 22.46
CA ARG A 115 3.06 19.34 22.75
C ARG A 115 1.82 20.10 23.21
N LEU A 116 0.66 19.86 22.57
CA LEU A 116 -0.58 20.47 23.03
C LEU A 116 -0.92 20.07 24.46
N ALA A 117 -0.70 18.79 24.78
CA ALA A 117 -0.95 18.32 26.15
C ALA A 117 -0.03 19.03 27.14
N GLN A 118 1.24 19.18 26.78
CA GLN A 118 2.18 19.87 27.66
C GLN A 118 1.78 21.33 27.84
N LEU A 119 1.37 21.99 26.75
CA LEU A 119 0.91 23.36 26.82
C LEU A 119 -0.27 23.50 27.78
N LEU A 120 -1.26 22.63 27.64
CA LEU A 120 -2.45 22.68 28.50
C LEU A 120 -2.10 22.42 29.97
N LEU A 121 -1.29 21.40 30.22
CA LEU A 121 -0.96 21.06 31.61
C LEU A 121 -0.16 22.17 32.27
N SER A 122 0.78 22.77 31.54
CA SER A 122 1.60 23.84 32.14
C SER A 122 0.83 25.15 32.24
N GLU A 123 0.29 25.61 31.12
CA GLU A 123 -0.25 26.97 31.05
C GLU A 123 -1.72 27.08 31.41
N ARG A 124 -2.48 25.98 31.39
CA ARG A 124 -3.87 26.06 31.82
C ARG A 124 -4.07 25.47 33.22
N PHE A 125 -3.54 24.28 33.47
CA PHE A 125 -3.73 23.63 34.76
C PHE A 125 -2.55 23.83 35.73
N GLY A 126 -1.43 24.34 35.24
CA GLY A 126 -0.30 24.73 36.08
C GLY A 126 0.42 23.61 36.79
N VAL A 127 0.57 22.47 36.13
CA VAL A 127 1.33 21.36 36.69
C VAL A 127 2.52 21.07 35.78
N GLN A 128 3.62 20.64 36.38
CA GLN A 128 4.85 20.31 35.64
C GLN A 128 5.18 18.85 35.89
N PRO A 129 4.74 17.94 35.04
CA PRO A 129 5.04 16.53 35.21
C PRO A 129 6.44 16.19 34.73
N ASP A 130 6.89 15.00 35.11
CA ASP A 130 8.14 14.43 34.59
C ASP A 130 7.78 13.59 33.37
N TYR A 131 8.04 14.14 32.18
CA TYR A 131 7.66 13.51 30.93
C TYR A 131 8.72 12.51 30.47
N TYR A 132 8.27 11.52 29.71
CA TYR A 132 9.16 10.58 29.03
C TYR A 132 8.41 9.99 27.85
N THR A 133 9.15 9.69 26.79
CA THR A 133 8.58 9.11 25.58
C THR A 133 8.67 7.59 25.66
N CYS A 134 7.63 6.91 25.20
CA CYS A 134 7.60 5.45 25.19
C CYS A 134 6.63 4.99 24.10
N PRO A 135 6.70 3.73 23.69
CA PRO A 135 5.76 3.23 22.69
C PRO A 135 4.35 3.32 23.19
N PRO A 136 3.38 3.54 22.29
CA PRO A 136 1.97 3.66 22.71
C PRO A 136 1.42 2.33 23.20
N ASP A 137 1.13 2.25 24.50
CA ASP A 137 0.60 1.02 25.09
C ASP A 137 -0.06 1.44 26.40
N LEU A 138 -1.40 1.55 26.39
CA LEU A 138 -2.10 2.07 27.55
C LEU A 138 -1.87 1.20 28.78
N SER A 139 -1.88 -0.12 28.61
CA SER A 139 -1.68 -1.01 29.74
C SER A 139 -0.32 -0.80 30.38
N LEU A 140 0.75 -0.85 29.57
CA LEU A 140 2.09 -0.63 30.10
C LEU A 140 2.24 0.77 30.67
N MET A 141 1.68 1.78 29.98
CA MET A 141 1.80 3.16 30.43
C MET A 141 1.13 3.37 31.78
N MET A 142 -0.06 2.78 31.99
CA MET A 142 -0.75 2.96 33.25
C MET A 142 -0.08 2.23 34.40
N GLN A 143 0.76 1.22 34.12
CA GLN A 143 1.57 0.59 35.16
C GLN A 143 2.82 1.40 35.49
N GLU A 144 3.28 2.25 34.57
CA GLU A 144 4.56 2.94 34.74
C GLU A 144 4.42 4.43 34.95
N ALA A 145 3.24 4.99 34.73
CA ALA A 145 3.01 6.42 34.84
C ALA A 145 1.64 6.68 35.44
N ASP A 146 1.43 7.91 35.91
CA ASP A 146 0.12 8.30 36.41
C ASP A 146 -0.82 8.73 35.30
N ALA A 147 -0.27 9.15 34.15
CA ALA A 147 -1.07 9.59 33.02
C ALA A 147 -0.32 9.32 31.73
N ALA A 148 -1.05 9.36 30.61
CA ALA A 148 -0.46 9.06 29.32
C ALA A 148 -1.16 9.88 28.24
N VAL A 149 -0.37 10.29 27.24
CA VAL A 149 -0.88 11.03 26.09
C VAL A 149 -0.82 10.11 24.88
N LEU A 150 -1.99 9.89 24.26
CA LEU A 150 -2.13 8.95 23.15
C LEU A 150 -2.82 9.62 21.98
N ILE A 151 -2.54 9.11 20.78
CA ILE A 151 -3.17 9.56 19.55
C ILE A 151 -3.63 8.34 18.74
N GLY A 152 -4.31 8.61 17.63
CA GLY A 152 -4.64 7.55 16.69
C GLY A 152 -5.65 6.56 17.22
N ASP A 153 -5.53 5.31 16.73
CA ASP A 153 -6.45 4.26 17.14
C ASP A 153 -6.31 3.95 18.63
N ALA A 154 -5.07 3.98 19.15
CA ALA A 154 -4.86 3.71 20.57
C ALA A 154 -5.61 4.69 21.44
N ALA A 155 -5.61 5.97 21.06
CA ALA A 155 -6.37 6.97 21.81
C ALA A 155 -7.86 6.75 21.66
N LEU A 156 -8.31 6.43 20.44
CA LEU A 156 -9.73 6.19 20.22
C LEU A 156 -10.20 5.00 21.05
N ARG A 157 -9.39 3.95 21.12
CA ARG A 157 -9.73 2.79 21.93
C ARG A 157 -9.78 3.17 23.41
N ALA A 158 -8.80 3.94 23.89
CA ALA A 158 -8.82 4.38 25.27
C ALA A 158 -10.06 5.20 25.58
N ASN A 159 -10.45 6.08 24.65
CA ASN A 159 -11.59 6.96 24.89
C ASN A 159 -12.90 6.19 24.88
N MET A 160 -13.07 5.27 23.93
CA MET A 160 -14.34 4.60 23.71
C MET A 160 -14.48 3.28 24.47
N ILE A 161 -13.39 2.62 24.83
CA ILE A 161 -13.46 1.25 25.33
C ILE A 161 -12.71 1.09 26.66
N ASP A 162 -11.39 1.29 26.63
CA ASP A 162 -10.57 0.98 27.80
C ASP A 162 -10.88 1.91 28.96
N GLY A 163 -11.02 3.21 28.70
CA GLY A 163 -11.32 4.19 29.71
C GLY A 163 -12.56 3.87 30.51
N PRO A 164 -13.72 3.78 29.84
CA PRO A 164 -14.96 3.44 30.56
C PRO A 164 -14.89 2.11 31.28
N ARG A 165 -14.16 1.14 30.73
CA ARG A 165 -14.10 -0.18 31.35
CA ARG A 165 -14.11 -0.18 31.35
C ARG A 165 -13.36 -0.14 32.68
N TYR A 166 -12.22 0.55 32.73
CA TYR A 166 -11.39 0.58 33.92
C TYR A 166 -11.56 1.85 34.75
N GLY A 167 -12.57 2.66 34.47
CA GLY A 167 -12.80 3.87 35.24
C GLY A 167 -11.67 4.88 35.17
N LEU A 168 -11.00 4.98 34.04
CA LEU A 168 -9.91 5.94 33.87
C LEU A 168 -10.46 7.23 33.26
N ASP A 169 -10.00 8.36 33.79
CA ASP A 169 -10.33 9.65 33.18
C ASP A 169 -9.67 9.75 31.82
N VAL A 170 -10.44 10.15 30.82
CA VAL A 170 -9.92 10.40 29.48
C VAL A 170 -10.34 11.80 29.08
N HIS A 171 -9.35 12.67 28.90
CA HIS A 171 -9.59 14.07 28.52
C HIS A 171 -9.35 14.24 27.04
N ASP A 172 -10.33 14.79 26.34
CA ASP A 172 -10.21 15.03 24.90
C ASP A 172 -9.37 16.28 24.69
N LEU A 173 -8.22 16.12 24.02
CA LEU A 173 -7.33 17.26 23.83
C LEU A 173 -7.97 18.35 22.99
N GLY A 174 -8.80 17.97 22.01
CA GLY A 174 -9.53 18.97 21.25
C GLY A 174 -10.48 19.78 22.10
N ALA A 175 -11.20 19.11 23.01
CA ALA A 175 -12.16 19.81 23.88
C ALA A 175 -11.44 20.68 24.90
N LEU A 176 -10.31 20.20 25.45
CA LEU A 176 -9.54 21.00 26.39
C LEU A 176 -9.05 22.29 25.75
N TRP A 177 -8.56 22.21 24.52
CA TRP A 177 -8.11 23.39 23.80
C TRP A 177 -9.30 24.30 23.48
N LYS A 178 -10.42 23.71 23.06
CA LYS A 178 -11.63 24.47 22.80
C LYS A 178 -12.11 25.21 24.05
N GLU A 179 -12.16 24.52 25.19
CA GLU A 179 -12.52 25.18 26.45
C GLU A 179 -11.59 26.35 26.74
N TRP A 180 -10.29 26.17 26.48
CA TRP A 180 -9.28 27.14 26.88
C TRP A 180 -9.29 28.36 25.99
N THR A 181 -9.50 28.17 24.69
CA THR A 181 -9.34 29.23 23.70
C THR A 181 -10.59 29.51 22.89
N GLY A 182 -11.61 28.67 22.94
CA GLY A 182 -12.73 28.78 22.04
C GLY A 182 -12.42 28.43 20.60
N LEU A 183 -11.21 27.95 20.31
CA LEU A 183 -10.78 27.75 18.93
C LEU A 183 -10.87 26.29 18.51
N PRO A 184 -10.99 26.02 17.21
CA PRO A 184 -10.79 24.66 16.72
C PRO A 184 -9.30 24.32 16.78
N PHE A 185 -8.92 23.12 16.36
CA PHE A 185 -7.51 22.73 16.37
C PHE A 185 -7.20 21.92 15.12
N VAL A 186 -5.98 22.10 14.63
CA VAL A 186 -5.45 21.34 13.49
C VAL A 186 -4.27 20.53 13.99
N PHE A 187 -4.36 19.20 13.85
CA PHE A 187 -3.28 18.33 14.30
C PHE A 187 -2.27 18.00 13.21
N ALA A 188 -2.72 17.94 11.96
CA ALA A 188 -1.85 17.57 10.85
C ALA A 188 -2.34 18.26 9.59
N VAL A 189 -1.40 18.57 8.70
CA VAL A 189 -1.70 19.14 7.40
C VAL A 189 -1.15 18.21 6.34
N TRP A 190 -1.49 18.50 5.08
CA TRP A 190 -0.85 17.88 3.94
C TRP A 190 0.07 18.91 3.29
N ALA A 191 1.24 18.45 2.84
CA ALA A 191 2.20 19.36 2.27
C ALA A 191 3.00 18.66 1.18
N ALA A 192 3.49 19.45 0.24
CA ALA A 192 4.50 19.02 -0.69
C ALA A 192 5.84 19.59 -0.24
N ARG A 193 6.91 18.80 -0.43
CA ARG A 193 8.24 19.39 -0.36
C ARG A 193 8.31 20.59 -1.29
N ARG A 194 8.96 21.66 -0.85
CA ARG A 194 9.05 22.84 -1.71
C ARG A 194 9.76 22.53 -3.01
N ASP A 195 10.83 21.72 -2.95
CA ASP A 195 11.56 21.42 -4.18
C ASP A 195 10.70 20.60 -5.14
N TYR A 196 9.87 19.70 -4.62
CA TYR A 196 8.98 18.96 -5.51
C TYR A 196 7.89 19.86 -6.06
N ALA A 197 7.32 20.74 -5.23
CA ALA A 197 6.29 21.65 -5.70
C ALA A 197 6.81 22.58 -6.79
N GLU A 198 8.09 22.97 -6.71
CA GLU A 198 8.65 23.87 -7.71
C GLU A 198 9.10 23.13 -8.96
N ARG A 199 9.47 21.85 -8.83
CA ARG A 199 9.82 21.06 -10.01
C ARG A 199 8.59 20.61 -10.77
N GLU A 200 7.53 20.20 -10.07
CA GLU A 200 6.32 19.65 -10.68
C GLU A 200 5.09 20.39 -10.17
N PRO A 201 4.88 21.64 -10.58
CA PRO A 201 3.68 22.37 -10.13
C PRO A 201 2.38 21.71 -10.56
N VAL A 202 2.33 21.10 -11.74
CA VAL A 202 1.10 20.50 -12.24
C VAL A 202 0.75 19.25 -11.45
N ILE A 203 1.71 18.34 -11.32
CA ILE A 203 1.47 17.12 -10.54
C ILE A 203 1.07 17.47 -9.12
N THR A 204 1.81 18.38 -8.50
CA THR A 204 1.49 18.82 -7.14
C THR A 204 0.05 19.31 -7.05
N ARG A 205 -0.36 20.13 -8.01
CA ARG A 205 -1.72 20.65 -8.01
C ARG A 205 -2.74 19.55 -8.26
N LYS A 206 -2.46 18.63 -9.19
CA LYS A 206 -3.39 17.52 -9.42
C LYS A 206 -3.49 16.62 -8.20
N VAL A 207 -2.37 16.38 -7.49
CA VAL A 207 -2.42 15.60 -6.27
C VAL A 207 -3.31 16.29 -5.25
N HIS A 208 -3.15 17.61 -5.10
CA HIS A 208 -3.96 18.37 -4.16
C HIS A 208 -5.45 18.27 -4.49
N GLU A 209 -5.80 18.49 -5.76
CA GLU A 209 -7.22 18.44 -6.14
C GLU A 209 -7.78 17.03 -5.97
N ALA A 210 -6.97 16.01 -6.23
CA ALA A 210 -7.42 14.64 -6.00
C ALA A 210 -7.64 14.35 -4.52
N PHE A 211 -6.81 14.92 -3.64
CA PHE A 211 -7.07 14.76 -2.22
C PHE A 211 -8.39 15.41 -1.82
N LEU A 212 -8.65 16.62 -2.32
CA LEU A 212 -9.91 17.28 -2.00
C LEU A 212 -11.10 16.48 -2.52
N ALA A 213 -11.01 16.01 -3.77
CA ALA A 213 -12.08 15.21 -4.35
C ALA A 213 -12.33 13.94 -3.55
N SER A 214 -11.26 13.26 -3.13
CA SER A 214 -11.41 12.03 -2.37
C SER A 214 -11.98 12.28 -0.98
N ARG A 215 -11.52 13.35 -0.33
CA ARG A 215 -12.07 13.74 0.97
C ARG A 215 -13.57 14.02 0.88
N ASN A 216 -13.97 14.80 -0.14
CA ASN A 216 -15.38 15.11 -0.31
C ASN A 216 -16.19 13.84 -0.49
N LEU A 217 -15.69 12.90 -1.30
CA LEU A 217 -16.39 11.64 -1.50
C LEU A 217 -16.47 10.85 -0.20
N SER A 218 -15.40 10.85 0.59
CA SER A 218 -15.41 10.11 1.84
C SER A 218 -16.44 10.67 2.82
N LEU A 219 -16.66 11.99 2.79
CA LEU A 219 -17.72 12.56 3.62
C LEU A 219 -19.09 12.11 3.11
N GLU A 220 -19.26 12.05 1.79
CA GLU A 220 -20.53 11.63 1.22
C GLU A 220 -20.83 10.17 1.53
N GLU A 221 -19.80 9.33 1.64
CA GLU A 221 -19.97 7.90 1.83
C GLU A 221 -19.52 7.44 3.22
N VAL A 222 -19.59 8.31 4.22
CA VAL A 222 -19.09 7.98 5.55
C VAL A 222 -19.75 6.72 6.10
N GLU A 223 -21.03 6.49 5.79
CA GLU A 223 -21.72 5.33 6.35
C GLU A 223 -21.19 4.03 5.77
N LYS A 224 -20.97 3.96 4.45
CA LYS A 224 -20.40 2.74 3.87
C LYS A 224 -19.01 2.46 4.42
N VAL A 225 -18.19 3.50 4.57
CA VAL A 225 -16.85 3.34 5.13
C VAL A 225 -16.94 2.79 6.55
N ALA A 226 -17.83 3.33 7.36
CA ALA A 226 -17.96 2.86 8.73
C ALA A 226 -18.46 1.42 8.77
N GLU A 227 -19.47 1.10 7.96
CA GLU A 227 -19.99 -0.27 7.93
C GLU A 227 -18.89 -1.26 7.58
N GLN A 228 -18.10 -0.95 6.54
CA GLN A 228 -17.03 -1.84 6.13
C GLN A 228 -15.94 -1.92 7.19
N ALA A 229 -15.52 -0.76 7.73
CA ALA A 229 -14.40 -0.76 8.68
C ALA A 229 -14.79 -1.43 9.99
N ALA A 230 -16.05 -1.35 10.39
CA ALA A 230 -16.48 -1.95 11.66
C ALA A 230 -16.25 -3.46 11.69
N ARG A 231 -16.21 -4.11 10.52
CA ARG A 231 -15.96 -5.55 10.48
C ARG A 231 -14.54 -5.91 10.88
N TRP A 232 -13.62 -4.96 10.93
CA TRP A 232 -12.22 -5.25 11.23
C TRP A 232 -11.72 -4.55 12.49
N GLU A 233 -12.61 -3.92 13.26
CA GLU A 233 -12.20 -3.14 14.42
C GLU A 233 -13.04 -3.54 15.64
N ALA A 234 -12.53 -3.18 16.82
CA ALA A 234 -13.32 -3.33 18.03
C ALA A 234 -14.43 -2.29 18.12
N PHE A 235 -14.36 -1.24 17.31
CA PHE A 235 -15.42 -0.23 17.27
C PHE A 235 -16.53 -0.67 16.34
N ASP A 236 -17.77 -0.35 16.72
CA ASP A 236 -18.89 -0.72 15.88
C ASP A 236 -19.17 0.38 14.85
N GLU A 237 -20.15 0.14 13.99
CA GLU A 237 -20.44 1.06 12.90
C GLU A 237 -20.82 2.45 13.40
N ASP A 238 -21.64 2.51 14.46
CA ASP A 238 -22.09 3.80 14.97
C ASP A 238 -20.93 4.60 15.55
N THR A 239 -20.03 3.92 16.26
CA THR A 239 -18.88 4.63 16.83
C THR A 239 -17.99 5.19 15.74
N LEU A 240 -17.73 4.41 14.68
CA LEU A 240 -16.87 4.89 13.61
C LEU A 240 -17.50 6.04 12.85
N ALA A 241 -18.79 5.94 12.54
CA ALA A 241 -19.46 7.04 11.85
C ALA A 241 -19.43 8.32 12.70
N LYS A 242 -19.62 8.17 14.02
CA LYS A 242 -19.50 9.31 14.93
C LYS A 242 -18.09 9.89 14.88
N TYR A 243 -17.08 9.03 14.95
CA TYR A 243 -15.70 9.49 14.87
C TYR A 243 -15.42 10.17 13.54
N PHE A 244 -15.78 9.52 12.42
CA PHE A 244 -15.50 10.10 11.11
C PHE A 244 -16.21 11.43 10.88
N THR A 245 -17.39 11.62 11.48
CA THR A 245 -18.11 12.88 11.31
C THR A 245 -17.73 13.91 12.37
N THR A 246 -17.07 13.50 13.46
CA THR A 246 -16.57 14.46 14.44
C THR A 246 -15.25 15.07 14.01
N LEU A 247 -14.39 14.28 13.37
CA LEU A 247 -13.17 14.82 12.78
C LEU A 247 -13.53 15.94 11.81
N ASP A 248 -12.68 16.97 11.76
CA ASP A 248 -12.91 18.14 10.91
C ASP A 248 -11.75 18.20 9.93
N PHE A 249 -12.04 17.97 8.65
CA PHE A 249 -11.01 17.91 7.62
C PHE A 249 -10.87 19.22 6.86
N ARG A 250 -11.44 20.31 7.35
CA ARG A 250 -11.33 21.58 6.66
C ARG A 250 -9.98 22.24 6.98
N PHE A 251 -9.57 23.15 6.10
CA PHE A 251 -8.35 23.90 6.34
C PHE A 251 -8.46 25.24 5.60
N GLY A 252 -9.29 26.12 6.16
CA GLY A 252 -9.45 27.47 5.65
C GLY A 252 -9.06 28.52 6.67
N ALA A 253 -9.66 29.70 6.58
CA ALA A 253 -9.28 30.80 7.46
C ALA A 253 -9.47 30.49 8.94
N PRO A 254 -10.63 29.98 9.40
CA PRO A 254 -10.75 29.69 10.85
C PRO A 254 -9.78 28.64 11.35
N GLN A 255 -9.42 27.67 10.51
CA GLN A 255 -8.46 26.65 10.94
C GLN A 255 -7.05 27.20 10.97
N LEU A 256 -6.70 28.05 10.00
CA LEU A 256 -5.40 28.70 10.04
C LEU A 256 -5.29 29.64 11.23
N GLU A 257 -6.39 30.27 11.63
CA GLU A 257 -6.43 31.05 12.86
C GLU A 257 -5.93 30.23 14.05
N ALA A 258 -6.40 28.99 14.15
CA ALA A 258 -5.98 28.10 15.24
C ALA A 258 -4.51 27.73 15.12
N VAL A 259 -4.05 27.41 13.91
CA VAL A 259 -2.63 27.08 13.73
C VAL A 259 -1.77 28.24 14.17
N THR A 260 -2.15 29.48 13.81
CA THR A 260 -1.37 30.65 14.16
C THR A 260 -1.25 30.81 15.68
N GLU A 261 -2.37 30.70 16.39
CA GLU A 261 -2.36 30.90 17.83
C GLU A 261 -1.60 29.79 18.53
N PHE A 262 -1.81 28.54 18.12
CA PHE A 262 -1.04 27.43 18.69
C PHE A 262 0.44 27.62 18.46
N ALA A 263 0.84 27.92 17.22
CA ALA A 263 2.24 28.15 16.92
C ALA A 263 2.82 29.23 17.81
N ARG A 264 2.04 30.28 18.07
CA ARG A 264 2.53 31.37 18.90
C ARG A 264 2.77 30.92 20.33
N ARG A 265 1.90 30.05 20.85
CA ARG A 265 2.01 29.67 22.27
C ARG A 265 3.09 28.63 22.53
N VAL A 266 3.56 27.92 21.52
CA VAL A 266 4.49 26.83 21.74
C VAL A 266 5.84 27.01 21.04
N GLY A 267 5.94 27.86 20.03
CA GLY A 267 7.19 28.06 19.31
C GLY A 267 8.42 28.21 20.18
N PRO A 268 8.42 29.21 21.08
CA PRO A 268 9.59 29.43 21.94
C PRO A 268 9.96 28.24 22.81
N THR A 269 9.05 27.32 23.08
CA THR A 269 9.35 26.12 23.85
C THR A 269 9.36 24.86 23.00
N THR A 270 9.36 24.99 21.66
CA THR A 270 9.30 23.79 20.82
C THR A 270 10.43 23.72 19.78
N GLY A 271 10.75 24.81 19.11
CA GLY A 271 11.86 24.78 18.18
C GLY A 271 11.63 25.46 16.85
N PHE A 272 10.74 26.45 16.84
CA PHE A 272 10.46 27.23 15.64
C PHE A 272 10.03 28.61 16.08
N PRO A 273 10.17 29.62 15.21
CA PRO A 273 9.76 30.98 15.60
C PRO A 273 8.27 31.05 15.86
N ALA A 274 7.89 31.91 16.82
CA ALA A 274 6.49 32.08 17.17
C ALA A 274 5.66 32.65 16.02
N ASP A 275 6.29 33.35 15.08
CA ASP A 275 5.61 33.91 13.91
C ASP A 275 5.99 33.19 12.62
N VAL A 276 6.13 31.87 12.68
CA VAL A 276 6.52 31.10 11.50
C VAL A 276 5.44 31.20 10.43
N LYS A 277 5.85 31.30 9.17
CA LYS A 277 4.93 31.48 8.05
C LYS A 277 4.48 30.13 7.47
N VAL A 278 3.17 29.94 7.38
CA VAL A 278 2.59 28.76 6.75
C VAL A 278 2.34 29.09 5.28
N GLU A 279 3.16 28.53 4.40
CA GLU A 279 3.02 28.77 2.97
C GLU A 279 1.99 27.80 2.40
N LEU A 280 1.00 28.34 1.70
CA LEU A 280 -0.07 27.56 1.09
C LEU A 280 0.17 27.42 -0.42
N LEU A 281 -0.20 26.26 -0.95
CA LEU A 281 -0.15 26.03 -2.39
C LEU A 281 -1.10 26.97 -3.11
N LYS A 282 -0.57 27.78 -4.02
CA LYS A 282 -1.42 28.75 -4.69
C LYS A 282 -2.16 28.12 -5.85
N PRO A 283 -3.45 28.43 -6.01
CA PRO A 283 -4.20 27.93 -7.17
C PRO A 283 -3.83 28.68 -8.43
N LEU A 284 -4.18 28.09 -9.57
CA LEU A 284 -3.89 28.69 -10.86
C LEU A 284 -4.76 29.91 -11.12
N GLU A 285 -4.12 31.03 -11.46
CA GLU A 285 -4.80 32.28 -11.79
C GLU A 285 -5.29 32.34 -13.24
N VAL B 2 -7.26 -5.81 25.81
CA VAL B 2 -6.66 -6.42 24.62
C VAL B 2 -7.63 -6.35 23.43
N ASP B 3 -7.11 -5.95 22.28
CA ASP B 3 -7.89 -5.87 21.04
C ASP B 3 -7.83 -7.22 20.35
N ASN B 4 -8.83 -8.06 20.60
CA ASN B 4 -8.92 -9.37 19.96
C ASN B 4 -9.84 -9.37 18.76
N SER B 5 -10.19 -8.19 18.23
CA SER B 5 -11.08 -8.11 17.09
C SER B 5 -10.47 -8.82 15.88
N ARG B 6 -11.32 -9.09 14.88
CA ARG B 6 -10.87 -9.77 13.68
C ARG B 6 -9.92 -8.89 12.88
N THR B 7 -8.95 -9.52 12.23
CA THR B 7 -7.88 -8.83 11.53
C THR B 7 -8.03 -9.00 10.02
N ARG B 8 -7.73 -7.94 9.28
CA ARG B 8 -7.75 -8.00 7.82
C ARG B 8 -6.76 -9.05 7.32
N PRO B 9 -7.10 -9.82 6.29
CA PRO B 9 -6.12 -10.71 5.69
C PRO B 9 -4.96 -9.93 5.10
N ARG B 10 -3.77 -10.47 5.25
CA ARG B 10 -2.56 -9.88 4.67
C ARG B 10 -2.41 -10.42 3.25
N VAL B 11 -2.54 -9.54 2.26
CA VAL B 11 -2.68 -9.93 0.87
C VAL B 11 -1.53 -9.33 0.06
N GLY B 12 -0.82 -10.19 -0.68
CA GLY B 12 0.21 -9.71 -1.57
C GLY B 12 -0.35 -9.25 -2.91
N HIS B 13 0.44 -8.45 -3.62
CA HIS B 13 0.03 -7.95 -4.94
C HIS B 13 1.28 -7.65 -5.76
N ILE B 14 1.37 -8.26 -6.94
CA ILE B 14 2.50 -8.05 -7.82
C ILE B 14 2.54 -6.59 -8.28
N GLN B 15 3.68 -5.94 -8.09
CA GLN B 15 3.80 -4.52 -8.37
C GLN B 15 3.85 -4.19 -9.86
N PHE B 16 4.06 -5.20 -10.72
CA PHE B 16 4.24 -4.97 -12.15
C PHE B 16 2.94 -4.54 -12.82
N LEU B 17 3.07 -4.12 -14.08
CA LEU B 17 1.91 -3.67 -14.85
C LEU B 17 0.90 -4.79 -15.06
N ASN B 18 1.34 -6.05 -15.05
CA ASN B 18 0.42 -7.14 -15.34
C ASN B 18 -0.75 -7.19 -14.35
N CYS B 19 -0.54 -6.70 -13.14
CA CYS B 19 -1.59 -6.68 -12.13
C CYS B 19 -2.04 -5.26 -11.79
N LEU B 20 -1.67 -4.28 -12.62
CA LEU B 20 -2.16 -2.93 -12.39
C LEU B 20 -3.67 -2.83 -12.62
N PRO B 21 -4.22 -3.41 -13.70
CA PRO B 21 -5.69 -3.38 -13.82
C PRO B 21 -6.39 -4.03 -12.63
N LEU B 22 -5.86 -5.14 -12.12
CA LEU B 22 -6.48 -5.77 -10.96
C LEU B 22 -6.47 -4.84 -9.76
N TYR B 23 -5.36 -4.11 -9.56
CA TYR B 23 -5.29 -3.14 -8.47
C TYR B 23 -6.35 -2.06 -8.62
N TRP B 24 -6.55 -1.56 -9.86
CA TRP B 24 -7.65 -0.65 -10.13
C TRP B 24 -8.98 -1.24 -9.70
N GLY B 25 -9.24 -2.50 -10.07
CA GLY B 25 -10.48 -3.12 -9.67
C GLY B 25 -10.62 -3.22 -8.17
N LEU B 26 -9.54 -3.59 -7.48
CA LEU B 26 -9.59 -3.70 -6.02
C LEU B 26 -9.87 -2.35 -5.38
N ALA B 27 -9.32 -1.28 -5.95
CA ALA B 27 -9.54 0.05 -5.41
C ALA B 27 -10.96 0.54 -5.69
N ARG B 28 -11.41 0.43 -6.95
CA ARG B 28 -12.72 0.94 -7.32
C ARG B 28 -13.83 0.20 -6.58
N THR B 29 -13.69 -1.11 -6.39
CA THR B 29 -14.70 -1.87 -5.66
C THR B 29 -14.68 -1.60 -4.16
N GLY B 30 -13.65 -0.92 -3.65
CA GLY B 30 -13.45 -0.79 -2.23
C GLY B 30 -12.85 -2.01 -1.57
N THR B 31 -12.54 -3.06 -2.34
CA THR B 31 -12.00 -4.30 -1.79
C THR B 31 -10.70 -4.05 -1.02
N LEU B 32 -9.87 -3.11 -1.50
CA LEU B 32 -8.60 -2.82 -0.84
C LEU B 32 -8.77 -2.56 0.65
N LEU B 33 -9.90 -1.97 1.05
CA LEU B 33 -10.09 -1.66 2.46
C LEU B 33 -10.43 -2.88 3.29
N ASP B 34 -10.61 -4.05 2.67
CA ASP B 34 -10.74 -5.30 3.39
C ASP B 34 -9.42 -6.07 3.44
N PHE B 35 -8.38 -5.52 2.81
CA PHE B 35 -7.06 -6.14 2.75
C PHE B 35 -6.06 -5.30 3.54
N GLU B 36 -5.02 -5.97 4.03
CA GLU B 36 -3.76 -5.32 4.40
C GLU B 36 -2.78 -5.66 3.28
N LEU B 37 -2.62 -4.73 2.34
CA LEU B 37 -1.96 -5.02 1.07
C LEU B 37 -0.46 -4.84 1.16
N THR B 38 0.27 -5.77 0.56
CA THR B 38 1.72 -5.68 0.39
C THR B 38 2.04 -5.81 -1.09
N LYS B 39 2.73 -4.81 -1.64
CA LYS B 39 3.18 -4.83 -3.02
C LYS B 39 4.67 -5.15 -3.10
N ASP B 40 5.03 -6.01 -4.03
CA ASP B 40 6.44 -6.39 -4.22
C ASP B 40 6.55 -7.15 -5.54
N THR B 41 7.76 -7.62 -5.82
CA THR B 41 8.00 -8.45 -7.01
C THR B 41 7.54 -9.88 -6.74
N PRO B 42 7.29 -10.66 -7.80
CA PRO B 42 6.65 -11.98 -7.58
C PRO B 42 7.48 -12.95 -6.77
N GLU B 43 8.81 -12.92 -6.85
CA GLU B 43 9.59 -13.88 -6.06
C GLU B 43 9.55 -13.54 -4.58
N LYS B 44 9.53 -12.25 -4.24
CA LYS B 44 9.41 -11.84 -2.84
C LYS B 44 8.05 -12.20 -2.27
N LEU B 45 6.98 -11.96 -3.04
CA LEU B 45 5.63 -12.27 -2.56
C LEU B 45 5.46 -13.76 -2.31
N SER B 46 6.07 -14.60 -3.16
CA SER B 46 6.01 -16.05 -2.94
C SER B 46 6.73 -16.44 -1.66
N GLU B 47 7.94 -15.91 -1.44
CA GLU B 47 8.65 -16.16 -0.19
C GLU B 47 7.81 -15.76 1.01
N GLN B 48 7.24 -14.56 0.97
CA GLN B 48 6.47 -14.06 2.11
C GLN B 48 5.27 -14.95 2.42
N LEU B 49 4.56 -15.40 1.39
CA LEU B 49 3.41 -16.27 1.63
C LEU B 49 3.85 -17.64 2.16
N VAL B 50 4.92 -18.20 1.60
CA VAL B 50 5.38 -19.51 2.04
C VAL B 50 5.83 -19.47 3.49
N ARG B 51 6.52 -18.41 3.90
CA ARG B 51 7.04 -18.31 5.25
C ARG B 51 6.06 -17.67 6.23
N GLY B 52 4.87 -17.29 5.79
CA GLY B 52 3.84 -16.87 6.71
C GLY B 52 3.72 -15.37 6.94
N ASP B 53 4.45 -14.54 6.19
CA ASP B 53 4.29 -13.11 6.30
C ASP B 53 3.04 -12.59 5.59
N LEU B 54 2.42 -13.42 4.76
CA LEU B 54 1.17 -13.12 4.10
C LEU B 54 0.20 -14.26 4.34
N ASP B 55 -1.09 -13.98 4.25
CA ASP B 55 -2.12 -15.00 4.35
C ASP B 55 -2.60 -15.48 2.99
N ILE B 56 -2.68 -14.57 2.02
CA ILE B 56 -3.21 -14.81 0.69
C ILE B 56 -2.38 -13.97 -0.28
N GLY B 57 -2.07 -14.51 -1.45
CA GLY B 57 -1.34 -13.72 -2.41
C GLY B 57 -1.01 -14.42 -3.71
N PRO B 58 -0.43 -13.68 -4.64
CA PRO B 58 0.02 -14.29 -5.90
C PRO B 58 1.28 -15.11 -5.68
N VAL B 59 1.31 -16.28 -6.31
CA VAL B 59 2.43 -17.21 -6.20
C VAL B 59 2.85 -17.60 -7.61
N THR B 60 4.09 -17.27 -7.98
CA THR B 60 4.63 -17.76 -9.24
C THR B 60 4.52 -19.28 -9.27
N LEU B 61 4.16 -19.82 -10.44
CA LEU B 61 3.66 -21.18 -10.51
C LEU B 61 4.65 -22.18 -9.92
N VAL B 62 5.93 -22.08 -10.30
CA VAL B 62 6.92 -23.05 -9.84
C VAL B 62 7.00 -23.08 -8.32
N GLU B 63 6.95 -21.91 -7.67
CA GLU B 63 7.00 -21.88 -6.21
C GLU B 63 5.71 -22.41 -5.60
N PHE B 64 4.56 -22.19 -6.26
CA PHE B 64 3.33 -22.82 -5.79
C PHE B 64 3.43 -24.34 -5.81
N LEU B 65 3.92 -24.89 -6.91
CA LEU B 65 4.01 -26.34 -7.06
C LEU B 65 4.98 -26.96 -6.07
N LYS B 66 6.06 -26.26 -5.72
CA LYS B 66 6.99 -26.76 -4.71
C LYS B 66 6.38 -26.75 -3.32
N ASN B 67 5.30 -26.00 -3.11
CA ASN B 67 4.65 -25.88 -1.81
C ASN B 67 3.18 -26.26 -1.89
N ALA B 68 2.82 -27.13 -2.84
CA ALA B 68 1.42 -27.38 -3.14
C ALA B 68 0.67 -27.99 -1.96
N ASP B 69 1.37 -28.72 -1.09
CA ASP B 69 0.72 -29.31 0.07
C ASP B 69 0.28 -28.27 1.08
N ASP B 70 0.87 -27.07 1.05
CA ASP B 70 0.64 -26.05 2.06
C ASP B 70 -0.11 -24.84 1.51
N LEU B 71 -0.56 -24.90 0.26
CA LEU B 71 -1.24 -23.78 -0.40
C LEU B 71 -2.51 -24.27 -1.07
N VAL B 72 -3.51 -23.39 -1.12
CA VAL B 72 -4.80 -23.68 -1.74
C VAL B 72 -5.03 -22.63 -2.83
N ALA B 73 -5.04 -23.06 -4.08
CA ALA B 73 -5.15 -22.12 -5.20
C ALA B 73 -6.58 -21.64 -5.40
N PHE B 74 -6.70 -20.38 -5.83
CA PHE B 74 -7.99 -19.76 -6.14
C PHE B 74 -8.42 -20.13 -7.57
N PRO B 75 -9.61 -20.69 -7.76
CA PRO B 75 -10.07 -20.97 -9.12
C PRO B 75 -10.47 -19.69 -9.84
N ASP B 76 -10.33 -19.74 -11.16
CA ASP B 76 -10.89 -18.78 -12.12
C ASP B 76 -10.16 -17.44 -12.15
N ILE B 77 -8.97 -17.35 -11.56
CA ILE B 77 -8.11 -16.18 -11.72
C ILE B 77 -6.67 -16.65 -11.65
N ALA B 78 -5.85 -16.11 -12.54
CA ALA B 78 -4.42 -16.42 -12.64
C ALA B 78 -3.79 -15.38 -13.55
N VAL B 79 -2.47 -15.43 -13.67
CA VAL B 79 -1.76 -14.59 -14.61
C VAL B 79 -1.25 -15.50 -15.70
N GLY B 80 -1.87 -15.42 -16.88
CA GLY B 80 -1.51 -16.34 -17.93
C GLY B 80 -1.63 -15.77 -19.33
N CYS B 81 -1.67 -16.67 -20.31
CA CYS B 81 -1.71 -16.29 -21.71
C CYS B 81 -2.22 -17.49 -22.51
N ASP B 82 -2.67 -17.22 -23.73
CA ASP B 82 -2.99 -18.27 -24.70
C ASP B 82 -2.35 -17.79 -26.00
N GLY B 83 -1.09 -18.15 -26.20
CA GLY B 83 -0.27 -17.53 -27.19
C GLY B 83 0.68 -16.55 -26.51
N PRO B 84 0.90 -15.40 -27.13
CA PRO B 84 1.85 -14.44 -26.57
C PRO B 84 1.41 -13.91 -25.21
N VAL B 85 2.39 -13.72 -24.33
CA VAL B 85 2.16 -13.07 -23.05
C VAL B 85 2.78 -11.66 -23.00
N MET B 86 3.68 -11.34 -23.94
CA MET B 86 4.28 -10.01 -24.11
C MET B 86 5.31 -9.64 -23.04
N SER B 87 5.13 -10.10 -21.79
CA SER B 87 6.02 -9.69 -20.71
C SER B 87 6.82 -10.86 -20.12
N CYS B 88 7.04 -11.92 -20.89
CA CYS B 88 7.95 -13.00 -20.52
C CYS B 88 8.69 -13.37 -21.80
N VAL B 89 9.97 -13.03 -21.89
CA VAL B 89 10.67 -13.04 -23.16
C VAL B 89 12.07 -13.60 -23.03
N ILE B 90 12.59 -14.08 -24.15
CA ILE B 90 14.02 -14.30 -24.33
C ILE B 90 14.48 -13.24 -25.33
N VAL B 91 15.38 -12.37 -24.88
CA VAL B 91 16.02 -11.38 -25.73
C VAL B 91 17.36 -11.95 -26.14
N SER B 92 17.62 -12.05 -27.43
CA SER B 92 18.81 -12.74 -27.90
C SER B 92 19.47 -11.96 -29.02
N GLN B 93 20.80 -11.93 -29.01
CA GLN B 93 21.58 -11.37 -30.09
C GLN B 93 21.87 -12.38 -31.20
N VAL B 94 21.62 -13.66 -30.95
CA VAL B 94 21.82 -14.71 -31.95
C VAL B 94 20.54 -15.53 -32.05
N PRO B 95 20.35 -16.26 -33.15
CA PRO B 95 19.24 -17.21 -33.20
C PRO B 95 19.34 -18.21 -32.07
N LEU B 96 18.17 -18.71 -31.64
CA LEU B 96 18.13 -19.57 -30.47
C LEU B 96 18.97 -20.83 -30.66
N ASP B 97 19.06 -21.34 -31.90
CA ASP B 97 19.82 -22.55 -32.16
C ASP B 97 21.33 -22.35 -32.08
N ARG B 98 21.81 -21.13 -31.88
CA ARG B 98 23.25 -20.87 -31.74
C ARG B 98 23.62 -20.61 -30.28
N LEU B 99 22.76 -20.98 -29.34
CA LEU B 99 22.98 -20.69 -27.92
C LEU B 99 23.60 -21.85 -27.16
N ASP B 100 23.94 -22.95 -27.83
CA ASP B 100 24.57 -24.06 -27.13
C ASP B 100 25.97 -23.63 -26.69
N GLY B 101 26.25 -23.76 -25.40
CA GLY B 101 27.50 -23.28 -24.84
C GLY B 101 27.61 -21.78 -24.72
N ALA B 102 26.57 -21.03 -25.08
CA ALA B 102 26.57 -19.58 -24.99
C ALA B 102 26.10 -19.14 -23.61
N ARG B 103 26.28 -17.86 -23.33
CA ARG B 103 25.90 -17.28 -22.05
C ARG B 103 24.48 -16.74 -22.11
N VAL B 104 23.63 -17.18 -21.19
CA VAL B 104 22.24 -16.76 -21.11
C VAL B 104 21.97 -16.26 -19.71
N ALA B 105 21.58 -14.99 -19.59
CA ALA B 105 21.32 -14.35 -18.31
C ALA B 105 19.86 -14.51 -17.93
N LEU B 106 19.61 -14.96 -16.70
CA LEU B 106 18.27 -15.17 -16.16
C LEU B 106 17.97 -14.09 -15.13
N GLY B 107 16.95 -13.27 -15.40
CA GLY B 107 16.52 -12.27 -14.44
C GLY B 107 16.19 -12.85 -13.07
N SER B 108 16.69 -12.22 -12.00
CA SER B 108 16.62 -12.80 -10.67
C SER B 108 15.22 -12.79 -10.07
N THR B 109 14.32 -11.95 -10.58
CA THR B 109 12.96 -11.90 -10.05
C THR B 109 12.08 -13.04 -10.54
N SER B 110 12.52 -13.81 -11.52
CA SER B 110 11.69 -14.84 -12.13
C SER B 110 11.97 -16.20 -11.51
N ARG B 111 10.92 -17.00 -11.36
CA ARG B 111 11.03 -18.39 -10.98
C ARG B 111 10.40 -19.32 -12.01
N THR B 112 9.29 -18.92 -12.61
CA THR B 112 8.57 -19.76 -13.56
C THR B 112 9.05 -19.56 -14.99
N SER B 113 9.18 -18.31 -15.43
CA SER B 113 9.55 -18.06 -16.82
C SER B 113 10.97 -18.52 -17.12
N VAL B 114 11.89 -18.37 -16.16
CA VAL B 114 13.26 -18.84 -16.39
C VAL B 114 13.27 -20.36 -16.56
N ARG B 115 12.45 -21.06 -15.78
CA ARG B 115 12.37 -22.51 -15.94
C ARG B 115 11.72 -22.88 -17.26
N LEU B 116 10.67 -22.16 -17.65
CA LEU B 116 10.06 -22.39 -18.95
C LEU B 116 11.04 -22.13 -20.08
N ALA B 117 11.86 -21.08 -19.96
CA ALA B 117 12.86 -20.80 -20.97
C ALA B 117 13.89 -21.92 -21.04
N GLN B 118 14.35 -22.41 -19.88
CA GLN B 118 15.30 -23.52 -19.89
C GLN B 118 14.68 -24.76 -20.50
N LEU B 119 13.43 -25.07 -20.14
CA LEU B 119 12.74 -26.21 -20.71
C LEU B 119 12.66 -26.11 -22.24
N LEU B 120 12.28 -24.93 -22.74
CA LEU B 120 12.17 -24.74 -24.18
C LEU B 120 13.52 -24.87 -24.86
N LEU B 121 14.55 -24.22 -24.32
CA LEU B 121 15.86 -24.26 -24.96
C LEU B 121 16.44 -25.68 -24.94
N SER B 122 16.27 -26.39 -23.83
CA SER B 122 16.82 -27.74 -23.71
C SER B 122 16.01 -28.75 -24.49
N GLU B 123 14.69 -28.81 -24.23
CA GLU B 123 13.87 -29.90 -24.74
C GLU B 123 13.23 -29.60 -26.09
N ARG B 124 13.15 -28.33 -26.51
CA ARG B 124 12.63 -28.02 -27.83
C ARG B 124 13.71 -27.66 -28.83
N PHE B 125 14.62 -26.76 -28.47
CA PHE B 125 15.68 -26.36 -29.40
C PHE B 125 16.99 -27.11 -29.19
N GLY B 126 17.12 -27.83 -28.08
CA GLY B 126 18.27 -28.70 -27.89
C GLY B 126 19.59 -27.99 -27.75
N VAL B 127 19.60 -26.85 -27.07
CA VAL B 127 20.84 -26.15 -26.79
C VAL B 127 21.04 -26.14 -25.29
N GLN B 128 22.31 -26.20 -24.89
CA GLN B 128 22.68 -26.21 -23.48
C GLN B 128 23.56 -24.98 -23.24
N PRO B 129 22.95 -23.86 -22.86
CA PRO B 129 23.72 -22.65 -22.62
C PRO B 129 24.34 -22.67 -21.23
N ASP B 130 25.28 -21.75 -21.02
CA ASP B 130 25.82 -21.53 -19.68
C ASP B 130 24.94 -20.47 -19.03
N TYR B 131 24.06 -20.91 -18.13
CA TYR B 131 23.10 -20.00 -17.51
C TYR B 131 23.72 -19.31 -16.32
N TYR B 132 23.23 -18.11 -16.03
CA TYR B 132 23.59 -17.42 -14.81
C TYR B 132 22.48 -16.44 -14.45
N THR B 133 22.28 -16.26 -13.16
CA THR B 133 21.27 -15.36 -12.61
C THR B 133 21.87 -14.00 -12.31
N CYS B 134 21.12 -12.94 -12.59
CA CYS B 134 21.56 -11.58 -12.32
C CYS B 134 20.32 -10.70 -12.19
N PRO B 135 20.45 -9.52 -11.57
CA PRO B 135 19.30 -8.63 -11.48
C PRO B 135 18.83 -8.23 -12.85
N PRO B 136 17.51 -8.00 -13.02
CA PRO B 136 16.98 -7.66 -14.35
C PRO B 136 17.43 -6.28 -14.83
N ASP B 137 18.26 -6.28 -15.87
CA ASP B 137 18.78 -5.04 -16.44
C ASP B 137 19.24 -5.42 -17.85
N LEU B 138 18.44 -5.06 -18.85
CA LEU B 138 18.73 -5.50 -20.21
C LEU B 138 20.10 -5.00 -20.68
N SER B 139 20.45 -3.76 -20.34
CA SER B 139 21.73 -3.20 -20.78
C SER B 139 22.90 -4.03 -20.26
N LEU B 140 22.95 -4.26 -18.95
CA LEU B 140 24.04 -5.06 -18.39
C LEU B 140 24.02 -6.48 -18.94
N MET B 141 22.83 -7.07 -19.07
CA MET B 141 22.72 -8.44 -19.57
C MET B 141 23.23 -8.55 -21.00
N MET B 142 22.85 -7.60 -21.85
CA MET B 142 23.29 -7.64 -23.24
C MET B 142 24.77 -7.29 -23.40
N GLN B 143 25.36 -6.63 -22.40
CA GLN B 143 26.80 -6.39 -22.45
C GLN B 143 27.61 -7.62 -22.09
N GLU B 144 27.05 -8.56 -21.33
CA GLU B 144 27.79 -9.71 -20.85
C GLU B 144 27.30 -11.05 -21.36
N ALA B 145 26.15 -11.12 -22.01
CA ALA B 145 25.60 -12.40 -22.42
C ALA B 145 25.02 -12.29 -23.82
N ASP B 146 24.82 -13.46 -24.44
CA ASP B 146 24.22 -13.51 -25.77
C ASP B 146 22.71 -13.45 -25.72
N ALA B 147 22.10 -13.82 -24.59
CA ALA B 147 20.66 -13.78 -24.46
C ALA B 147 20.30 -13.55 -23.00
N ALA B 148 19.05 -13.15 -22.77
CA ALA B 148 18.58 -12.85 -21.43
C ALA B 148 17.10 -13.21 -21.33
N VAL B 149 16.70 -13.67 -20.14
CA VAL B 149 15.31 -14.01 -19.86
C VAL B 149 14.77 -12.98 -18.88
N LEU B 150 13.70 -12.29 -19.28
CA LEU B 150 13.12 -11.21 -18.50
C LEU B 150 11.63 -11.43 -18.33
N ILE B 151 11.09 -10.88 -17.24
CA ILE B 151 9.66 -10.88 -16.96
C ILE B 151 9.23 -9.47 -16.58
N GLY B 152 7.92 -9.31 -16.39
CA GLY B 152 7.38 -8.08 -15.85
C GLY B 152 7.56 -6.88 -16.77
N ASP B 153 7.66 -5.70 -16.15
CA ASP B 153 7.79 -4.47 -16.91
C ASP B 153 9.09 -4.45 -17.72
N ALA B 154 10.17 -4.99 -17.15
CA ALA B 154 11.43 -5.02 -17.88
C ALA B 154 11.29 -5.80 -19.18
N ALA B 155 10.58 -6.94 -19.13
CA ALA B 155 10.37 -7.72 -20.35
C ALA B 155 9.46 -6.99 -21.32
N LEU B 156 8.38 -6.37 -20.83
CA LEU B 156 7.52 -5.62 -21.72
C LEU B 156 8.29 -4.49 -22.38
N ARG B 157 9.16 -3.81 -21.63
CA ARG B 157 9.98 -2.76 -22.21
C ARG B 157 10.92 -3.31 -23.26
N ALA B 158 11.56 -4.45 -22.98
CA ALA B 158 12.41 -5.09 -23.99
C ALA B 158 11.62 -5.44 -25.24
N ASN B 159 10.40 -5.94 -25.06
CA ASN B 159 9.60 -6.38 -26.19
C ASN B 159 9.11 -5.19 -27.03
N MET B 160 8.66 -4.12 -26.37
CA MET B 160 8.00 -3.01 -27.07
C MET B 160 8.93 -1.87 -27.44
N ILE B 161 10.06 -1.71 -26.75
CA ILE B 161 10.87 -0.50 -26.91
C ILE B 161 12.33 -0.85 -27.20
N ASP B 162 13.00 -1.50 -26.25
CA ASP B 162 14.44 -1.72 -26.35
C ASP B 162 14.79 -2.65 -27.51
N GLY B 163 14.05 -3.74 -27.65
CA GLY B 163 14.28 -4.70 -28.70
C GLY B 163 14.25 -4.09 -30.08
N PRO B 164 13.11 -3.51 -30.47
CA PRO B 164 13.03 -2.88 -31.80
C PRO B 164 14.07 -1.79 -31.99
N ARG B 165 14.36 -1.00 -30.94
CA ARG B 165 15.31 0.09 -31.07
C ARG B 165 16.70 -0.43 -31.42
N TYR B 166 17.15 -1.48 -30.74
CA TYR B 166 18.51 -1.97 -30.91
C TYR B 166 18.59 -3.21 -31.81
N GLY B 167 17.51 -3.54 -32.51
CA GLY B 167 17.54 -4.67 -33.43
C GLY B 167 17.77 -6.01 -32.76
N LEU B 168 17.26 -6.19 -31.54
CA LEU B 168 17.40 -7.44 -30.80
C LEU B 168 16.19 -8.33 -31.04
N ASP B 169 16.45 -9.62 -31.27
CA ASP B 169 15.35 -10.58 -31.32
C ASP B 169 14.73 -10.70 -29.94
N VAL B 170 13.40 -10.65 -29.88
CA VAL B 170 12.67 -10.88 -28.64
C VAL B 170 11.67 -11.99 -28.89
N HIS B 171 11.85 -13.11 -28.19
CA HIS B 171 10.97 -14.28 -28.32
C HIS B 171 9.98 -14.31 -27.17
N ASP B 172 8.70 -14.41 -27.51
CA ASP B 172 7.65 -14.48 -26.50
C ASP B 172 7.54 -15.90 -25.95
N LEU B 173 7.79 -16.06 -24.65
CA LEU B 173 7.77 -17.40 -24.05
C LEU B 173 6.39 -18.03 -24.11
N GLY B 174 5.32 -17.24 -23.99
CA GLY B 174 3.99 -17.77 -24.16
C GLY B 174 3.77 -18.32 -25.57
N ALA B 175 4.26 -17.59 -26.57
CA ALA B 175 4.12 -18.05 -27.95
C ALA B 175 5.01 -19.26 -28.23
N LEU B 176 6.23 -19.26 -27.68
CA LEU B 176 7.12 -20.41 -27.88
C LEU B 176 6.50 -21.68 -27.32
N TRP B 177 5.91 -21.59 -26.12
CA TRP B 177 5.24 -22.73 -25.51
C TRP B 177 4.01 -23.13 -26.32
N LYS B 178 3.25 -22.15 -26.80
CA LYS B 178 2.09 -22.42 -27.63
C LYS B 178 2.48 -23.17 -28.89
N GLU B 179 3.52 -22.71 -29.59
CA GLU B 179 4.02 -23.43 -30.76
C GLU B 179 4.39 -24.87 -30.42
N TRP B 180 5.01 -25.07 -29.26
CA TRP B 180 5.55 -26.37 -28.89
C TRP B 180 4.46 -27.35 -28.44
N THR B 181 3.44 -26.86 -27.75
CA THR B 181 2.44 -27.71 -27.12
C THR B 181 1.01 -27.44 -27.55
N GLY B 182 0.75 -26.34 -28.26
CA GLY B 182 -0.61 -25.92 -28.52
C GLY B 182 -1.39 -25.43 -27.31
N LEU B 183 -0.76 -25.36 -26.14
CA LEU B 183 -1.44 -25.09 -24.90
C LEU B 183 -1.29 -23.64 -24.48
N PRO B 184 -2.22 -23.12 -23.69
CA PRO B 184 -1.98 -21.84 -23.02
C PRO B 184 -0.96 -22.02 -21.92
N PHE B 185 -0.63 -20.96 -21.19
CA PHE B 185 0.32 -21.09 -20.11
C PHE B 185 -0.12 -20.22 -18.93
N VAL B 186 0.14 -20.72 -17.73
CA VAL B 186 -0.16 -20.02 -16.49
C VAL B 186 1.17 -19.75 -15.79
N PHE B 187 1.48 -18.47 -15.56
CA PHE B 187 2.73 -18.09 -14.93
C PHE B 187 2.61 -17.93 -13.42
N ALA B 188 1.45 -17.54 -12.93
CA ALA B 188 1.26 -17.32 -11.50
C ALA B 188 -0.20 -17.57 -11.15
N VAL B 189 -0.42 -18.05 -9.93
CA VAL B 189 -1.75 -18.27 -9.41
C VAL B 189 -1.92 -17.44 -8.14
N TRP B 190 -3.16 -17.40 -7.64
CA TRP B 190 -3.47 -16.86 -6.32
C TRP B 190 -3.75 -18.00 -5.37
N ALA B 191 -3.27 -17.87 -4.14
CA ALA B 191 -3.44 -18.95 -3.18
C ALA B 191 -3.53 -18.39 -1.76
N ALA B 192 -4.22 -19.13 -0.92
CA ALA B 192 -4.17 -18.91 0.52
C ALA B 192 -3.27 -19.96 1.14
N ARG B 193 -2.53 -19.58 2.17
CA ARG B 193 -1.89 -20.57 3.02
C ARG B 193 -2.94 -21.56 3.50
N ARG B 194 -2.57 -22.84 3.54
CA ARG B 194 -3.53 -23.86 3.96
C ARG B 194 -4.01 -23.59 5.39
N ASP B 195 -3.10 -23.18 6.28
CA ASP B 195 -3.52 -22.96 7.66
C ASP B 195 -4.45 -21.77 7.77
N TYR B 196 -4.23 -20.73 6.95
CA TYR B 196 -5.15 -19.60 6.97
C TYR B 196 -6.50 -19.99 6.37
N ALA B 197 -6.48 -20.75 5.28
CA ALA B 197 -7.73 -21.18 4.66
C ALA B 197 -8.55 -22.04 5.61
N GLU B 198 -7.89 -22.85 6.45
CA GLU B 198 -8.62 -23.71 7.37
C GLU B 198 -9.03 -22.99 8.63
N ARG B 199 -8.29 -21.95 9.03
CA ARG B 199 -8.70 -21.16 10.18
C ARG B 199 -9.82 -20.19 9.83
N GLU B 200 -9.76 -19.57 8.65
CA GLU B 200 -10.72 -18.55 8.24
C GLU B 200 -11.30 -18.90 6.87
N PRO B 201 -12.16 -19.92 6.79
CA PRO B 201 -12.75 -20.27 5.49
C PRO B 201 -13.58 -19.15 4.88
N VAL B 202 -14.28 -18.34 5.68
CA VAL B 202 -15.15 -17.31 5.13
C VAL B 202 -14.33 -16.17 4.56
N ILE B 203 -13.38 -15.65 5.34
CA ILE B 203 -12.52 -14.57 4.86
C ILE B 203 -11.82 -15.00 3.57
N THR B 204 -11.26 -16.20 3.57
CA THR B 204 -10.62 -16.73 2.37
C THR B 204 -11.58 -16.73 1.18
N ARG B 205 -12.82 -17.17 1.40
CA ARG B 205 -13.81 -17.16 0.33
C ARG B 205 -14.15 -15.75 -0.12
N LYS B 206 -14.32 -14.83 0.84
CA LYS B 206 -14.63 -13.44 0.50
C LYS B 206 -13.49 -12.80 -0.27
N VAL B 207 -12.25 -13.08 0.14
CA VAL B 207 -11.09 -12.57 -0.58
C VAL B 207 -11.09 -13.07 -2.02
N HIS B 208 -11.36 -14.37 -2.18
CA HIS B 208 -11.40 -14.96 -3.51
C HIS B 208 -12.46 -14.31 -4.37
N GLU B 209 -13.69 -14.19 -3.84
CA GLU B 209 -14.77 -13.60 -4.63
C GLU B 209 -14.51 -12.13 -4.94
N ALA B 210 -13.89 -11.41 -4.01
CA ALA B 210 -13.56 -10.01 -4.27
C ALA B 210 -12.51 -9.89 -5.37
N PHE B 211 -11.56 -10.84 -5.42
CA PHE B 211 -10.59 -10.85 -6.51
C PHE B 211 -11.26 -11.08 -7.86
N LEU B 212 -12.19 -12.03 -7.93
CA LEU B 212 -12.90 -12.28 -9.18
C LEU B 212 -13.68 -11.06 -9.61
N ALA B 213 -14.41 -10.45 -8.68
CA ALA B 213 -15.18 -9.25 -8.99
C ALA B 213 -14.28 -8.11 -9.45
N SER B 214 -13.13 -7.93 -8.79
CA SER B 214 -12.22 -6.86 -9.19
C SER B 214 -11.61 -7.15 -10.55
N ARG B 215 -11.24 -8.41 -10.81
CA ARG B 215 -10.72 -8.77 -12.13
C ARG B 215 -11.76 -8.49 -13.21
N ASN B 216 -13.00 -8.92 -12.98
CA ASN B 216 -14.06 -8.69 -13.96
C ASN B 216 -14.25 -7.21 -14.26
N LEU B 217 -14.26 -6.38 -13.22
CA LEU B 217 -14.40 -4.93 -13.43
C LEU B 217 -13.22 -4.38 -14.23
N SER B 218 -12.00 -4.86 -13.94
CA SER B 218 -10.83 -4.36 -14.64
C SER B 218 -10.86 -4.71 -16.12
N LEU B 219 -11.47 -5.85 -16.47
CA LEU B 219 -11.62 -6.18 -17.89
C LEU B 219 -12.57 -5.22 -18.58
N GLU B 220 -13.66 -4.84 -17.91
CA GLU B 220 -14.62 -3.93 -18.51
C GLU B 220 -14.07 -2.51 -18.67
N GLU B 221 -13.14 -2.11 -17.81
CA GLU B 221 -12.63 -0.74 -17.80
C GLU B 221 -11.18 -0.66 -18.24
N VAL B 222 -10.74 -1.63 -19.05
CA VAL B 222 -9.32 -1.72 -19.44
C VAL B 222 -8.85 -0.43 -20.09
N GLU B 223 -9.73 0.24 -20.84
CA GLU B 223 -9.31 1.46 -21.53
C GLU B 223 -9.05 2.60 -20.55
N LYS B 224 -9.91 2.74 -19.53
CA LYS B 224 -9.67 3.75 -18.50
C LYS B 224 -8.37 3.48 -17.75
N VAL B 225 -8.11 2.22 -17.41
CA VAL B 225 -6.86 1.86 -16.72
C VAL B 225 -5.66 2.20 -17.58
N ALA B 226 -5.70 1.85 -18.87
CA ALA B 226 -4.57 2.13 -19.75
C ALA B 226 -4.36 3.63 -19.93
N GLU B 227 -5.46 4.39 -20.09
CA GLU B 227 -5.35 5.83 -20.24
C GLU B 227 -4.66 6.46 -19.03
N GLN B 228 -5.05 6.04 -17.81
CA GLN B 228 -4.43 6.58 -16.61
C GLN B 228 -2.97 6.16 -16.49
N ALA B 229 -2.69 4.87 -16.69
CA ALA B 229 -1.33 4.37 -16.49
C ALA B 229 -0.36 4.94 -17.52
N ALA B 230 -0.82 5.25 -18.73
CA ALA B 230 0.09 5.75 -19.76
C ALA B 230 0.77 7.04 -19.36
N ARG B 231 0.16 7.82 -18.46
CA ARG B 231 0.77 9.07 -18.03
C ARG B 231 2.01 8.85 -17.18
N TRP B 232 2.23 7.63 -16.67
CA TRP B 232 3.35 7.35 -15.77
C TRP B 232 4.31 6.30 -16.29
N GLU B 233 4.17 5.85 -17.54
CA GLU B 233 4.99 4.78 -18.08
C GLU B 233 5.57 5.23 -19.42
N ALA B 234 6.64 4.54 -19.84
CA ALA B 234 7.18 4.74 -21.17
C ALA B 234 6.31 4.17 -22.27
N PHE B 235 5.35 3.32 -21.92
CA PHE B 235 4.41 2.77 -22.88
C PHE B 235 3.25 3.73 -23.07
N ASP B 236 2.71 3.78 -24.28
CA ASP B 236 1.57 4.66 -24.53
C ASP B 236 0.27 3.91 -24.24
N GLU B 237 -0.84 4.63 -24.38
CA GLU B 237 -2.14 4.07 -24.02
C GLU B 237 -2.48 2.84 -24.86
N ASP B 238 -2.17 2.88 -26.16
CA ASP B 238 -2.50 1.75 -27.02
C ASP B 238 -1.69 0.51 -26.66
N THR B 239 -0.41 0.69 -26.34
CA THR B 239 0.43 -0.45 -25.97
C THR B 239 -0.08 -1.11 -24.69
N LEU B 240 -0.43 -0.31 -23.69
CA LEU B 240 -0.88 -0.88 -22.43
C LEU B 240 -2.22 -1.59 -22.58
N ALA B 241 -3.17 -0.99 -23.30
CA ALA B 241 -4.45 -1.65 -23.51
C ALA B 241 -4.28 -2.95 -24.28
N LYS B 242 -3.39 -2.96 -25.27
CA LYS B 242 -3.08 -4.22 -25.96
C LYS B 242 -2.51 -5.23 -25.00
N TYR B 243 -1.58 -4.82 -24.15
CA TYR B 243 -1.00 -5.71 -23.15
C TYR B 243 -2.05 -6.25 -22.19
N PHE B 244 -2.86 -5.35 -21.62
CA PHE B 244 -3.86 -5.79 -20.64
C PHE B 244 -4.87 -6.76 -21.25
N THR B 245 -5.16 -6.63 -22.54
CA THR B 245 -6.09 -7.53 -23.20
C THR B 245 -5.42 -8.78 -23.77
N THR B 246 -4.09 -8.78 -23.90
CA THR B 246 -3.40 -9.99 -24.32
C THR B 246 -3.22 -10.95 -23.16
N LEU B 247 -2.96 -10.41 -21.97
CA LEU B 247 -2.93 -11.23 -20.77
C LEU B 247 -4.25 -11.98 -20.60
N ASP B 248 -4.15 -13.19 -20.10
CA ASP B 248 -5.30 -14.06 -19.90
C ASP B 248 -5.38 -14.35 -18.41
N PHE B 249 -6.41 -13.83 -17.75
CA PHE B 249 -6.55 -13.98 -16.31
C PHE B 249 -7.45 -15.14 -15.92
N ARG B 250 -7.79 -16.03 -16.85
CA ARG B 250 -8.66 -17.13 -16.52
C ARG B 250 -7.88 -18.25 -15.84
N PHE B 251 -8.60 -19.09 -15.08
CA PHE B 251 -7.98 -20.24 -14.44
C PHE B 251 -9.05 -21.33 -14.27
N GLY B 252 -9.42 -21.96 -15.39
CA GLY B 252 -10.34 -23.06 -15.35
C GLY B 252 -9.72 -24.35 -15.89
N ALA B 253 -10.56 -25.24 -16.42
CA ALA B 253 -10.07 -26.54 -16.87
C ALA B 253 -8.98 -26.44 -17.94
N PRO B 254 -9.13 -25.65 -19.01
CA PRO B 254 -8.03 -25.59 -20.00
C PRO B 254 -6.73 -25.03 -19.43
N GLN B 255 -6.81 -24.12 -18.46
CA GLN B 255 -5.60 -23.56 -17.87
C GLN B 255 -4.95 -24.56 -16.91
N LEU B 256 -5.75 -25.31 -16.14
CA LEU B 256 -5.19 -26.34 -15.28
C LEU B 256 -4.54 -27.45 -16.08
N GLU B 257 -5.09 -27.76 -17.26
CA GLU B 257 -4.47 -28.72 -18.17
C GLU B 257 -3.04 -28.32 -18.49
N ALA B 258 -2.82 -27.03 -18.78
CA ALA B 258 -1.47 -26.55 -19.06
C ALA B 258 -0.57 -26.63 -17.83
N VAL B 259 -1.08 -26.23 -16.66
CA VAL B 259 -0.28 -26.33 -15.44
C VAL B 259 0.14 -27.77 -15.20
N THR B 260 -0.78 -28.71 -15.41
CA THR B 260 -0.48 -30.12 -15.17
C THR B 260 0.66 -30.59 -16.06
N GLU B 261 0.60 -30.26 -17.35
CA GLU B 261 1.64 -30.72 -18.28
C GLU B 261 2.99 -30.08 -17.99
N PHE B 262 3.01 -28.76 -17.75
CA PHE B 262 4.27 -28.10 -17.41
C PHE B 262 4.87 -28.69 -16.14
N ALA B 263 4.05 -28.84 -15.09
CA ALA B 263 4.52 -29.44 -13.85
C ALA B 263 5.14 -30.81 -14.10
N ARG B 264 4.55 -31.59 -15.00
CA ARG B 264 5.08 -32.91 -15.30
C ARG B 264 6.44 -32.83 -15.97
N ARG B 265 6.64 -31.86 -16.85
CA ARG B 265 7.88 -31.81 -17.61
C ARG B 265 9.05 -31.24 -16.82
N VAL B 266 8.80 -30.53 -15.73
CA VAL B 266 9.87 -29.88 -14.98
C VAL B 266 9.94 -30.33 -13.53
N GLY B 267 8.90 -30.94 -12.98
CA GLY B 267 8.85 -31.34 -11.59
C GLY B 267 10.10 -32.06 -11.08
N PRO B 268 10.46 -33.17 -11.70
CA PRO B 268 11.61 -33.96 -11.20
C PRO B 268 12.92 -33.18 -11.17
N THR B 269 13.08 -32.14 -11.98
CA THR B 269 14.30 -31.35 -11.99
C THR B 269 14.13 -29.97 -11.36
N THR B 270 13.03 -29.74 -10.66
CA THR B 270 12.75 -28.44 -10.07
C THR B 270 12.51 -28.51 -8.57
N GLY B 271 11.79 -29.51 -8.10
CA GLY B 271 11.63 -29.70 -6.66
C GLY B 271 10.22 -30.08 -6.24
N PHE B 272 9.48 -30.72 -7.13
CA PHE B 272 8.14 -31.20 -6.80
C PHE B 272 7.83 -32.40 -7.68
N PRO B 273 6.92 -33.27 -7.24
CA PRO B 273 6.57 -34.44 -8.06
C PRO B 273 5.94 -34.04 -9.38
N ALA B 274 6.19 -34.84 -10.42
CA ALA B 274 5.61 -34.59 -11.73
C ALA B 274 4.08 -34.68 -11.72
N ASP B 275 3.52 -35.40 -10.76
CA ASP B 275 2.07 -35.50 -10.59
C ASP B 275 1.64 -34.75 -9.33
N VAL B 276 2.23 -33.58 -9.09
CA VAL B 276 1.91 -32.82 -7.89
C VAL B 276 0.44 -32.44 -7.91
N LYS B 277 -0.19 -32.51 -6.75
CA LYS B 277 -1.62 -32.29 -6.62
C LYS B 277 -1.88 -30.79 -6.40
N VAL B 278 -2.66 -30.19 -7.29
CA VAL B 278 -3.05 -28.79 -7.16
C VAL B 278 -4.39 -28.73 -6.45
N GLU B 279 -4.38 -28.34 -5.19
CA GLU B 279 -5.63 -28.22 -4.43
C GLU B 279 -6.27 -26.87 -4.71
N LEU B 280 -7.54 -26.89 -5.10
CA LEU B 280 -8.29 -25.69 -5.39
C LEU B 280 -9.25 -25.37 -4.25
N LEU B 281 -9.45 -24.07 -4.00
CA LEU B 281 -10.41 -23.61 -3.01
C LEU B 281 -11.81 -24.06 -3.39
N LYS B 282 -12.48 -24.81 -2.50
CA LYS B 282 -13.78 -25.35 -2.88
C LYS B 282 -14.87 -24.31 -2.63
N PRO B 283 -15.81 -24.16 -3.56
CA PRO B 283 -16.95 -23.26 -3.32
C PRO B 283 -17.94 -23.88 -2.34
N LEU B 284 -18.81 -23.03 -1.81
CA LEU B 284 -19.81 -23.51 -0.86
C LEU B 284 -20.87 -24.34 -1.59
N GLU B 285 -21.02 -25.59 -1.16
CA GLU B 285 -22.00 -26.51 -1.74
C GLU B 285 -23.39 -26.38 -1.09
C01 RDH C . -6.72 13.28 14.82
C02 RDH C . -5.56 12.90 15.32
C04 RDH C . -3.29 13.69 15.11
C05 RDH C . -3.05 13.34 13.79
C06 RDH C . -1.74 13.21 13.34
C07 RDH C . -0.68 13.43 14.19
C08 RDH C . -0.92 13.78 15.52
C09 RDH C . 0.23 14.03 16.49
C12 RDH C . -2.23 13.92 15.97
C13 RDH C . -5.35 11.43 15.65
O03 RDH C . -4.59 13.87 15.59
O10 RDH C . 1.43 14.05 16.08
O11 RDH C . -0.01 14.22 17.70
O14 RDH C . -6.29 10.63 15.48
O15 RDH C . -4.26 11.03 16.12
C01 RDH D . 2.93 -12.50 -16.99
C02 RDH D . 4.10 -12.59 -16.38
C04 RDH D . 5.00 -14.01 -14.66
C05 RDH D . 4.30 -13.51 -13.58
C06 RDH D . 4.77 -13.72 -12.29
C07 RDH D . 5.95 -14.42 -12.09
C08 RDH D . 6.65 -14.92 -13.17
C09 RDH D . 7.94 -15.71 -12.98
C12 RDH D . 6.17 -14.72 -14.45
C13 RDH D . 4.96 -11.35 -16.19
O03 RDH D . 4.54 -13.85 -15.97
O10 RDH D . 8.35 -16.01 -11.83
O11 RDH D . 8.58 -16.07 -14.00
O14 RDH D . 4.56 -10.25 -16.62
O15 RDH D . 6.09 -11.42 -15.62
#